data_4MF0
#
_entry.id   4MF0
#
_cell.length_a   40.145
_cell.length_b   155.488
_cell.length_c   47.257
_cell.angle_alpha   90.00
_cell.angle_beta   93.74
_cell.angle_gamma   90.00
#
_symmetry.space_group_name_H-M   'P 1 21 1'
#
loop_
_entity.id
_entity.type
_entity.pdbx_description
1 polymer 'Tyrosine-protein kinase ITK/TSK'
2 non-polymer (1S,2S)-2-{4-[(dimethylamino)methyl]phenyl}-N-[6-(pyridin-3-yl)-1,3-benzothiazol-2-yl]cyclopropanecarboxamide
3 water water
#
_entity_poly.entity_id   1
_entity_poly.type   'polypeptide(L)'
_entity_poly.pdbx_seq_one_letter_code
;GSVIDPSELTFVQEIGSGQFGLVHLGYWLNKDKVAIKTIREGAMSEEDFIEEAEVMMKLSHPKLVQLYGVCLEQAPICLV
FEFMEHGCLSDYLRTQRGLFAAETLLGMCLDVCEGMAYLEEACVIHRDLAARNCLVGENQVIKVSDFGMTRFVLDDQETS
STGTKFPVKWASPEVFSFSRYSSKSDVWSFGVLMWEVFSEGKIPYENRSNSEVVEDISTGFRLYKPRLASTHVYQIMNHC
WKERPEDRPAFSRLLRQLAEIAESGL
;
_entity_poly.pdbx_strand_id   A,B
#
# COMPACT_ATOMS: atom_id res chain seq x y z
N VAL A 3 -5.66 -11.19 -15.92
CA VAL A 3 -5.01 -12.50 -15.98
C VAL A 3 -6.04 -13.65 -15.83
N ILE A 4 -5.59 -14.89 -16.14
CA ILE A 4 -6.40 -16.10 -16.11
C ILE A 4 -5.95 -17.06 -15.02
N ASP A 5 -6.93 -17.75 -14.39
CA ASP A 5 -6.72 -18.79 -13.38
C ASP A 5 -7.39 -20.09 -13.90
N PRO A 6 -6.81 -21.31 -13.69
CA PRO A 6 -7.44 -22.52 -14.24
C PRO A 6 -8.44 -23.19 -13.30
N SER A 7 -7.92 -23.89 -12.29
CA SER A 7 -8.63 -24.64 -11.27
C SER A 7 -7.67 -24.94 -10.11
N GLU A 8 -7.14 -23.84 -9.56
CA GLU A 8 -6.33 -23.73 -8.36
C GLU A 8 -7.25 -22.97 -7.38
N LEU A 9 -8.56 -23.05 -7.71
CA LEU A 9 -9.71 -22.52 -7.00
C LEU A 9 -10.41 -23.69 -6.34
N THR A 10 -10.76 -23.50 -5.07
CA THR A 10 -11.48 -24.45 -4.22
C THR A 10 -12.73 -23.71 -3.75
N PHE A 11 -13.92 -24.16 -4.17
CA PHE A 11 -15.19 -23.55 -3.77
C PHE A 11 -15.52 -24.06 -2.35
N VAL A 12 -16.17 -23.23 -1.53
CA VAL A 12 -16.46 -23.56 -0.14
C VAL A 12 -17.94 -23.43 0.19
N GLN A 13 -18.51 -22.22 0.05
CA GLN A 13 -19.91 -21.95 0.38
C GLN A 13 -20.51 -20.78 -0.41
N GLU A 14 -21.85 -20.72 -0.51
CA GLU A 14 -22.54 -19.61 -1.16
C GLU A 14 -22.54 -18.45 -0.19
N ILE A 15 -22.26 -17.24 -0.70
CA ILE A 15 -22.25 -15.99 0.09
C ILE A 15 -23.09 -14.92 -0.62
N GLY A 16 -23.15 -15.02 -1.96
CA GLY A 16 -23.90 -14.12 -2.83
C GLY A 16 -25.20 -14.72 -3.33
N SER A 17 -26.15 -13.83 -3.71
CA SER A 17 -27.48 -14.18 -4.20
C SER A 17 -27.99 -13.16 -5.20
N GLY A 21 -26.46 -12.51 -10.27
CA GLY A 21 -25.29 -13.38 -10.14
C GLY A 21 -25.00 -13.81 -8.72
N LEU A 22 -24.50 -15.06 -8.55
CA LEU A 22 -24.18 -15.60 -7.23
C LEU A 22 -22.67 -15.60 -6.93
N VAL A 23 -22.34 -15.40 -5.65
CA VAL A 23 -20.98 -15.32 -5.13
C VAL A 23 -20.73 -16.47 -4.17
N HIS A 24 -19.50 -16.98 -4.16
CA HIS A 24 -19.07 -18.05 -3.28
C HIS A 24 -17.82 -17.64 -2.51
N LEU A 25 -17.69 -18.16 -1.28
CA LEU A 25 -16.46 -18.03 -0.52
C LEU A 25 -15.65 -19.19 -1.07
N GLY A 26 -14.41 -18.93 -1.40
CA GLY A 26 -13.52 -19.94 -1.92
C GLY A 26 -12.11 -19.68 -1.51
N TYR A 27 -11.25 -20.68 -1.67
CA TYR A 27 -9.83 -20.56 -1.38
C TYR A 27 -9.10 -20.59 -2.70
N TRP A 28 -7.98 -19.87 -2.77
CA TRP A 28 -7.16 -19.80 -3.97
C TRP A 28 -5.75 -20.16 -3.62
N LEU A 29 -5.26 -21.29 -4.16
CA LEU A 29 -3.90 -21.76 -3.91
C LEU A 29 -2.96 -21.25 -4.98
N ASN A 30 -2.31 -20.13 -4.70
CA ASN A 30 -1.36 -19.50 -5.62
C ASN A 30 0.10 -19.74 -5.21
N LYS A 31 0.96 -19.97 -6.23
CA LYS A 31 2.40 -20.20 -6.11
C LYS A 31 3.05 -18.83 -5.96
N ASP A 32 3.33 -18.43 -4.71
CA ASP A 32 3.96 -17.13 -4.45
C ASP A 32 5.46 -17.30 -4.26
N LYS A 33 6.25 -16.56 -5.07
CA LYS A 33 7.71 -16.57 -5.00
C LYS A 33 8.18 -15.97 -3.67
N VAL A 34 8.95 -16.76 -2.91
CA VAL A 34 9.48 -16.37 -1.62
C VAL A 34 10.99 -16.58 -1.53
N ALA A 35 11.62 -15.90 -0.57
CA ALA A 35 13.03 -16.05 -0.28
C ALA A 35 13.12 -16.73 1.07
N ILE A 36 13.73 -17.93 1.10
CA ILE A 36 13.84 -18.72 2.32
C ILE A 36 15.26 -18.65 2.88
N LYS A 37 15.40 -18.10 4.09
CA LYS A 37 16.69 -18.01 4.77
C LYS A 37 16.73 -19.08 5.86
N THR A 38 17.70 -20.03 5.78
CA THR A 38 17.76 -21.10 6.77
C THR A 38 18.71 -20.77 7.93
N ILE A 39 18.38 -21.28 9.13
CA ILE A 39 19.14 -21.21 10.39
C ILE A 39 19.57 -22.65 10.75
N MET A 44 18.13 -19.96 22.63
CA MET A 44 17.20 -19.39 21.64
C MET A 44 15.99 -20.30 21.42
N SER A 45 15.20 -20.50 22.50
CA SER A 45 13.99 -21.36 22.53
C SER A 45 12.97 -21.02 21.43
N GLU A 46 12.15 -22.03 21.04
CA GLU A 46 11.11 -21.92 20.02
C GLU A 46 10.16 -20.76 20.29
N GLU A 47 9.73 -20.60 21.56
CA GLU A 47 8.82 -19.53 22.04
C GLU A 47 9.31 -18.12 21.68
N ASP A 48 10.57 -17.80 22.04
CA ASP A 48 11.23 -16.51 21.80
C ASP A 48 11.29 -16.10 20.32
N PHE A 49 11.57 -17.07 19.43
CA PHE A 49 11.72 -16.84 17.99
C PHE A 49 10.38 -16.84 17.26
N ILE A 50 9.28 -17.21 17.93
CA ILE A 50 7.92 -17.10 17.38
C ILE A 50 7.47 -15.64 17.65
N GLU A 51 7.87 -15.10 18.82
CA GLU A 51 7.58 -13.73 19.24
C GLU A 51 8.36 -12.74 18.37
N GLU A 52 9.69 -12.97 18.20
CA GLU A 52 10.58 -12.12 17.40
C GLU A 52 10.16 -12.05 15.92
N ALA A 53 9.62 -13.16 15.39
CA ALA A 53 9.10 -13.23 14.04
C ALA A 53 7.81 -12.42 13.91
N GLU A 54 6.98 -12.41 14.98
CA GLU A 54 5.71 -11.68 15.04
C GLU A 54 5.95 -10.16 15.11
N VAL A 55 6.97 -9.73 15.87
CA VAL A 55 7.39 -8.33 16.05
C VAL A 55 7.90 -7.76 14.71
N MET A 56 8.73 -8.55 13.99
CA MET A 56 9.29 -8.21 12.68
C MET A 56 8.19 -8.18 11.60
N MET A 57 7.11 -8.96 11.79
CA MET A 57 5.95 -9.01 10.91
C MET A 57 5.07 -7.78 11.11
N LYS A 58 5.15 -7.15 12.31
CA LYS A 58 4.42 -5.93 12.65
C LYS A 58 5.02 -4.73 11.90
N LEU A 59 6.32 -4.82 11.52
CA LEU A 59 7.03 -3.79 10.76
C LEU A 59 6.75 -3.94 9.27
N SER A 60 5.59 -3.42 8.84
CA SER A 60 5.17 -3.49 7.44
C SER A 60 5.24 -2.13 6.77
N HIS A 61 5.88 -2.10 5.57
CA HIS A 61 6.08 -0.90 4.76
C HIS A 61 6.44 -1.30 3.31
N PRO A 62 5.98 -0.55 2.28
CA PRO A 62 6.36 -0.89 0.90
C PRO A 62 7.86 -0.79 0.59
N LYS A 63 8.68 -0.18 1.47
CA LYS A 63 10.11 -0.02 1.23
C LYS A 63 11.02 -0.86 2.16
N LEU A 64 10.45 -1.89 2.79
CA LEU A 64 11.14 -2.84 3.66
C LEU A 64 10.76 -4.22 3.18
N VAL A 65 11.72 -5.16 3.16
CA VAL A 65 11.44 -6.54 2.73
C VAL A 65 10.67 -7.24 3.85
N GLN A 66 9.41 -7.58 3.56
CA GLN A 66 8.49 -8.22 4.50
C GLN A 66 8.83 -9.68 4.79
N LEU A 67 8.69 -10.05 6.07
CA LEU A 67 8.85 -11.41 6.59
C LEU A 67 7.43 -11.99 6.60
N TYR A 68 7.19 -13.01 5.76
CA TYR A 68 5.88 -13.66 5.65
C TYR A 68 5.62 -14.59 6.82
N GLY A 69 6.67 -15.13 7.41
CA GLY A 69 6.57 -16.06 8.53
C GLY A 69 7.82 -16.89 8.79
N VAL A 70 7.68 -17.88 9.68
CA VAL A 70 8.76 -18.77 10.11
C VAL A 70 8.36 -20.24 10.07
N CYS A 71 9.34 -21.12 9.88
CA CYS A 71 9.16 -22.57 9.84
C CYS A 71 9.95 -23.18 11.00
N LEU A 72 9.27 -23.90 11.92
CA LEU A 72 9.86 -24.47 13.13
C LEU A 72 9.75 -26.01 13.27
N GLU A 73 9.30 -26.69 12.20
CA GLU A 73 9.13 -28.16 12.14
C GLU A 73 10.48 -28.89 12.04
N GLN A 74 11.46 -28.47 12.87
CA GLN A 74 12.84 -28.93 12.99
C GLN A 74 13.55 -29.06 11.61
N ALA A 75 14.57 -29.97 11.50
CA ALA A 75 15.45 -30.16 10.34
C ALA A 75 16.14 -28.79 10.18
N PRO A 76 16.56 -28.21 9.02
CA PRO A 76 17.07 -26.83 9.08
C PRO A 76 15.87 -25.87 9.24
N ILE A 77 15.82 -25.14 10.38
CA ILE A 77 14.77 -24.14 10.73
C ILE A 77 14.91 -22.99 9.69
N CYS A 78 13.79 -22.33 9.28
CA CYS A 78 13.92 -21.28 8.25
C CYS A 78 12.91 -20.13 8.37
N LEU A 79 13.33 -18.96 7.84
CA LEU A 79 12.59 -17.71 7.76
C LEU A 79 12.16 -17.47 6.31
N VAL A 80 10.88 -17.09 6.10
CA VAL A 80 10.33 -16.87 4.76
C VAL A 80 10.02 -15.39 4.55
N PHE A 81 10.69 -14.79 3.56
CA PHE A 81 10.57 -13.39 3.19
C PHE A 81 9.96 -13.24 1.82
N GLU A 82 9.59 -11.99 1.49
CA GLU A 82 9.13 -11.58 0.18
C GLU A 82 10.35 -11.70 -0.75
N PHE A 83 10.20 -12.37 -1.89
CA PHE A 83 11.29 -12.52 -2.85
C PHE A 83 11.50 -11.22 -3.65
N MET A 84 12.77 -10.83 -3.85
CA MET A 84 13.14 -9.62 -4.59
C MET A 84 13.82 -10.05 -5.92
N GLU A 85 13.09 -9.94 -7.05
CA GLU A 85 13.50 -10.40 -8.39
C GLU A 85 14.84 -9.91 -8.94
N HIS A 86 15.35 -8.74 -8.53
CA HIS A 86 16.62 -8.30 -9.12
C HIS A 86 17.84 -8.44 -8.19
N GLY A 87 17.63 -9.08 -7.04
CA GLY A 87 18.69 -9.33 -6.07
C GLY A 87 19.09 -8.12 -5.27
N CYS A 88 20.32 -8.13 -4.74
CA CYS A 88 20.81 -7.03 -3.90
C CYS A 88 21.29 -5.83 -4.71
N LEU A 89 21.13 -4.64 -4.12
CA LEU A 89 21.50 -3.35 -4.71
C LEU A 89 22.97 -3.28 -5.13
N SER A 90 23.90 -3.68 -4.24
CA SER A 90 25.36 -3.71 -4.47
C SER A 90 25.71 -4.30 -5.84
N ASP A 91 25.25 -5.54 -6.10
CA ASP A 91 25.50 -6.27 -7.33
C ASP A 91 24.77 -5.68 -8.52
N TYR A 92 23.52 -5.20 -8.30
CA TYR A 92 22.70 -4.57 -9.34
C TYR A 92 23.36 -3.26 -9.84
N LEU A 93 24.04 -2.51 -8.94
CA LEU A 93 24.74 -1.27 -9.30
C LEU A 93 25.96 -1.52 -10.20
N ARG A 94 26.78 -2.53 -9.83
CA ARG A 94 28.00 -2.96 -10.51
C ARG A 94 27.71 -3.53 -11.91
N THR A 95 26.70 -4.42 -12.00
CA THR A 95 26.31 -5.09 -13.26
C THR A 95 25.55 -4.20 -14.25
N GLN A 96 25.23 -2.97 -13.86
CA GLN A 96 24.50 -2.01 -14.70
C GLN A 96 25.18 -0.63 -14.71
N ARG A 97 26.46 -0.56 -14.32
CA ARG A 97 27.27 0.66 -14.31
C ARG A 97 27.36 1.25 -15.72
N GLY A 98 27.27 2.57 -15.81
CA GLY A 98 27.31 3.31 -17.07
C GLY A 98 25.97 3.36 -17.79
N LEU A 99 24.92 2.79 -17.17
CA LEU A 99 23.58 2.73 -17.73
C LEU A 99 22.53 3.41 -16.84
N PHE A 100 22.99 4.18 -15.85
CA PHE A 100 22.09 4.85 -14.92
C PHE A 100 22.00 6.35 -15.12
N ALA A 101 20.76 6.86 -15.01
CA ALA A 101 20.47 8.28 -15.05
C ALA A 101 20.50 8.72 -13.58
N ALA A 102 20.86 10.00 -13.32
CA ALA A 102 20.91 10.58 -11.96
C ALA A 102 19.59 10.47 -11.23
N GLU A 103 18.49 10.51 -11.99
CA GLU A 103 17.10 10.45 -11.55
C GLU A 103 16.78 9.07 -10.97
N THR A 104 17.31 7.99 -11.62
CA THR A 104 17.16 6.59 -11.21
C THR A 104 17.85 6.39 -9.85
N LEU A 105 19.11 6.87 -9.75
CA LEU A 105 19.96 6.77 -8.56
C LEU A 105 19.36 7.53 -7.38
N LEU A 106 18.82 8.74 -7.64
CA LEU A 106 18.11 9.54 -6.64
C LEU A 106 16.84 8.80 -6.22
N GLY A 107 16.18 8.14 -7.19
CA GLY A 107 14.97 7.36 -6.97
C GLY A 107 15.21 6.19 -6.04
N MET A 108 16.43 5.62 -6.11
CA MET A 108 16.89 4.51 -5.28
C MET A 108 17.11 4.97 -3.84
N CYS A 109 17.72 6.16 -3.65
CA CYS A 109 18.01 6.79 -2.34
C CYS A 109 16.72 7.15 -1.62
N LEU A 110 15.70 7.58 -2.39
CA LEU A 110 14.37 7.97 -1.92
C LEU A 110 13.66 6.75 -1.32
N ASP A 111 13.76 5.58 -2.00
CA ASP A 111 13.16 4.30 -1.59
C ASP A 111 13.69 3.88 -0.23
N VAL A 112 15.04 3.83 -0.07
CA VAL A 112 15.73 3.50 1.18
C VAL A 112 15.32 4.49 2.28
N CYS A 113 15.24 5.78 1.94
CA CYS A 113 14.86 6.86 2.86
C CYS A 113 13.46 6.68 3.46
N GLU A 114 12.46 6.26 2.64
CA GLU A 114 11.08 5.98 3.06
C GLU A 114 11.05 4.84 4.07
N GLY A 115 11.76 3.75 3.78
CA GLY A 115 11.85 2.58 4.63
C GLY A 115 12.54 2.88 5.95
N MET A 116 13.61 3.70 5.88
CA MET A 116 14.40 4.11 7.04
C MET A 116 13.66 5.12 7.93
N ALA A 117 12.86 6.03 7.31
CA ALA A 117 12.05 7.02 8.03
C ALA A 117 10.95 6.32 8.81
N TYR A 118 10.43 5.21 8.28
CA TYR A 118 9.42 4.36 8.94
C TYR A 118 10.08 3.64 10.14
N LEU A 119 11.29 3.05 9.93
CA LEU A 119 12.04 2.36 10.98
C LEU A 119 12.43 3.33 12.08
N GLU A 120 12.76 4.59 11.71
CA GLU A 120 13.15 5.67 12.63
C GLU A 120 11.95 5.95 13.58
N GLU A 121 10.76 6.18 12.98
CA GLU A 121 9.51 6.43 13.68
C GLU A 121 9.08 5.21 14.51
N ALA A 122 9.38 3.99 14.03
CA ALA A 122 9.07 2.73 14.73
C ALA A 122 10.05 2.48 15.88
N CYS A 123 11.06 3.38 16.06
CA CYS A 123 12.14 3.33 17.06
C CYS A 123 13.06 2.11 16.88
N VAL A 124 13.21 1.68 15.61
CA VAL A 124 14.04 0.56 15.19
C VAL A 124 15.33 1.10 14.59
N ILE A 125 16.48 0.55 15.03
CA ILE A 125 17.81 0.93 14.58
C ILE A 125 18.35 -0.25 13.75
N HIS A 126 18.54 -0.03 12.43
CA HIS A 126 19.04 -1.03 11.50
C HIS A 126 20.41 -1.60 11.93
N ARG A 127 21.34 -0.69 12.36
CA ARG A 127 22.70 -0.95 12.84
C ARG A 127 23.71 -1.31 11.73
N ASP A 128 23.24 -1.78 10.54
CA ASP A 128 24.12 -2.19 9.43
C ASP A 128 23.56 -1.81 8.03
N LEU A 129 23.15 -0.55 7.85
CA LEU A 129 22.64 -0.07 6.56
C LEU A 129 23.77 0.11 5.53
N ALA A 130 23.64 -0.54 4.36
CA ALA A 130 24.57 -0.48 3.23
C ALA A 130 23.86 -0.98 1.96
N ALA A 131 24.44 -0.70 0.77
CA ALA A 131 23.89 -1.16 -0.50
C ALA A 131 23.78 -2.70 -0.55
N ARG A 132 24.75 -3.44 0.06
CA ARG A 132 24.80 -4.91 0.16
C ARG A 132 23.57 -5.52 0.89
N ASN A 133 22.92 -4.73 1.78
CA ASN A 133 21.74 -5.14 2.55
C ASN A 133 20.41 -4.77 1.86
N CYS A 134 20.42 -3.78 0.97
CA CYS A 134 19.23 -3.37 0.23
C CYS A 134 18.99 -4.26 -0.96
N LEU A 135 17.71 -4.47 -1.31
CA LEU A 135 17.32 -5.33 -2.41
C LEU A 135 16.45 -4.63 -3.45
N VAL A 136 16.62 -5.00 -4.74
CA VAL A 136 15.91 -4.45 -5.91
C VAL A 136 14.72 -5.38 -6.25
N GLY A 137 13.55 -4.79 -6.51
CA GLY A 137 12.34 -5.53 -6.85
C GLY A 137 11.63 -5.10 -8.12
N GLU A 138 10.28 -5.21 -8.10
CA GLU A 138 9.35 -4.87 -9.19
C GLU A 138 9.61 -3.45 -9.67
N ASN A 139 9.94 -3.29 -10.97
CA ASN A 139 10.32 -2.06 -11.67
C ASN A 139 11.25 -1.16 -10.81
N GLN A 140 12.51 -1.64 -10.64
CA GLN A 140 13.66 -1.01 -9.93
C GLN A 140 13.38 -0.46 -8.49
N VAL A 141 12.30 -0.91 -7.82
CA VAL A 141 11.97 -0.49 -6.45
C VAL A 141 13.06 -1.01 -5.48
N ILE A 142 13.53 -0.14 -4.56
CA ILE A 142 14.53 -0.55 -3.59
C ILE A 142 13.86 -0.76 -2.25
N LYS A 143 14.22 -1.85 -1.56
CA LYS A 143 13.68 -2.16 -0.25
C LYS A 143 14.80 -2.51 0.69
N VAL A 144 14.71 -1.98 1.92
CA VAL A 144 15.69 -2.21 3.00
C VAL A 144 15.43 -3.61 3.55
N SER A 145 16.51 -4.31 3.92
CA SER A 145 16.44 -5.64 4.48
C SER A 145 17.50 -5.85 5.56
N ASP A 146 17.41 -6.98 6.28
CA ASP A 146 18.36 -7.44 7.30
C ASP A 146 18.58 -6.40 8.42
N PHE A 147 17.48 -5.98 9.09
CA PHE A 147 17.55 -5.01 10.19
C PHE A 147 17.45 -5.65 11.58
N GLY A 148 16.43 -6.48 11.79
CA GLY A 148 16.19 -7.16 13.07
C GLY A 148 16.45 -8.65 12.98
N MET A 149 17.60 -9.03 12.40
CA MET A 149 18.02 -10.42 12.19
C MET A 149 18.86 -11.01 13.34
N THR A 150 19.38 -10.15 14.22
CA THR A 150 20.21 -10.54 15.36
C THR A 150 19.34 -11.22 16.44
N PRO A 167 32.92 -2.88 7.66
CA PRO A 167 31.84 -2.41 8.54
C PRO A 167 32.10 -1.01 9.07
N VAL A 168 33.39 -0.67 9.27
CA VAL A 168 33.85 0.64 9.75
C VAL A 168 33.59 1.74 8.68
N LYS A 169 33.52 1.32 7.40
CA LYS A 169 33.30 2.19 6.25
C LYS A 169 31.94 2.88 6.26
N TRP A 170 30.93 2.24 6.90
CA TRP A 170 29.57 2.74 7.05
C TRP A 170 29.34 3.24 8.48
N ALA A 171 30.29 2.92 9.38
CA ALA A 171 30.21 3.28 10.80
C ALA A 171 30.46 4.75 11.08
N SER A 172 29.62 5.31 11.94
CA SER A 172 29.73 6.70 12.35
C SER A 172 30.82 6.81 13.46
N PRO A 173 31.38 8.02 13.74
CA PRO A 173 32.43 8.14 14.77
C PRO A 173 32.05 7.66 16.18
N GLU A 174 30.81 7.87 16.63
CA GLU A 174 30.39 7.37 17.95
C GLU A 174 30.18 5.85 17.95
N VAL A 175 30.02 5.25 16.76
CA VAL A 175 29.86 3.82 16.59
C VAL A 175 31.25 3.15 16.55
N PHE A 176 32.23 3.73 15.84
CA PHE A 176 33.56 3.11 15.83
C PHE A 176 34.35 3.44 17.11
N SER A 177 33.93 4.49 17.85
CA SER A 177 34.59 4.88 19.10
C SER A 177 33.93 4.25 20.33
N PHE A 178 32.64 4.56 20.59
CA PHE A 178 31.91 4.11 21.78
C PHE A 178 30.76 3.14 21.52
N SER A 179 30.55 2.75 20.24
CA SER A 179 29.45 1.88 19.81
C SER A 179 28.05 2.45 20.20
N ARG A 180 27.89 3.78 20.03
CA ARG A 180 26.65 4.54 20.30
C ARG A 180 25.71 4.47 19.08
N TYR A 181 24.99 3.34 18.94
CA TYR A 181 24.04 3.11 17.86
C TYR A 181 22.73 3.82 18.13
N SER A 182 22.25 4.59 17.15
CA SER A 182 20.98 5.33 17.17
C SER A 182 20.49 5.46 15.73
N SER A 183 19.31 6.07 15.52
CA SER A 183 18.79 6.32 14.18
C SER A 183 19.70 7.34 13.48
N LYS A 184 20.38 8.20 14.27
CA LYS A 184 21.34 9.19 13.78
C LYS A 184 22.63 8.55 13.25
N SER A 185 23.05 7.41 13.84
CA SER A 185 24.22 6.68 13.35
C SER A 185 23.86 6.00 12.01
N ASP A 186 22.58 5.58 11.86
CA ASP A 186 22.02 4.98 10.65
C ASP A 186 22.00 6.01 9.53
N VAL A 187 21.86 7.31 9.87
CA VAL A 187 21.86 8.41 8.92
C VAL A 187 23.27 8.51 8.29
N TRP A 188 24.32 8.29 9.10
CA TRP A 188 25.68 8.29 8.59
C TRP A 188 25.84 7.16 7.56
N SER A 189 25.40 5.93 7.91
CA SER A 189 25.42 4.76 7.02
C SER A 189 24.67 5.08 5.73
N PHE A 190 23.54 5.84 5.83
CA PHE A 190 22.72 6.27 4.69
C PHE A 190 23.47 7.18 3.72
N GLY A 191 24.24 8.13 4.25
CA GLY A 191 25.08 9.04 3.47
C GLY A 191 26.12 8.31 2.66
N VAL A 192 26.64 7.20 3.23
CA VAL A 192 27.62 6.31 2.61
C VAL A 192 26.88 5.44 1.59
N LEU A 193 25.64 5.00 1.92
CA LEU A 193 24.79 4.19 1.04
C LEU A 193 24.50 5.03 -0.23
N MET A 194 24.18 6.35 -0.06
CA MET A 194 23.92 7.30 -1.15
C MET A 194 25.12 7.36 -2.08
N TRP A 195 26.33 7.46 -1.48
CA TRP A 195 27.60 7.50 -2.20
C TRP A 195 27.78 6.24 -3.02
N GLU A 196 27.44 5.05 -2.44
CA GLU A 196 27.53 3.74 -3.13
C GLU A 196 26.60 3.75 -4.34
N VAL A 197 25.36 4.24 -4.16
CA VAL A 197 24.34 4.34 -5.20
C VAL A 197 24.82 5.24 -6.33
N PHE A 198 25.13 6.52 -6.01
CA PHE A 198 25.57 7.54 -6.97
C PHE A 198 26.91 7.26 -7.65
N SER A 199 27.75 6.39 -7.04
CA SER A 199 29.04 5.99 -7.60
C SER A 199 28.89 4.64 -8.31
N GLU A 200 27.62 4.21 -8.55
CA GLU A 200 27.20 2.97 -9.21
C GLU A 200 27.85 1.69 -8.64
N GLY A 201 27.94 1.63 -7.32
CA GLY A 201 28.48 0.48 -6.61
C GLY A 201 29.98 0.45 -6.39
N LYS A 202 30.64 1.62 -6.42
CA LYS A 202 32.09 1.67 -6.14
C LYS A 202 32.34 1.41 -4.64
N ILE A 203 33.50 0.85 -4.30
CA ILE A 203 33.84 0.56 -2.91
C ILE A 203 34.26 1.88 -2.21
N PRO A 204 33.61 2.27 -1.09
CA PRO A 204 34.04 3.49 -0.38
C PRO A 204 35.33 3.22 0.38
N TYR A 205 36.28 4.20 0.41
CA TYR A 205 37.60 4.09 1.08
C TYR A 205 38.32 2.80 0.59
N GLU A 206 38.23 2.53 -0.74
CA GLU A 206 38.71 1.35 -1.46
C GLU A 206 39.99 0.71 -0.88
N ASN A 207 41.10 1.46 -0.82
CA ASN A 207 42.34 0.89 -0.29
C ASN A 207 42.78 1.65 0.96
N ARG A 208 41.93 1.55 1.99
CA ARG A 208 42.11 2.21 3.28
C ARG A 208 41.85 1.20 4.40
N SER A 209 42.84 1.03 5.30
CA SER A 209 42.72 0.11 6.44
C SER A 209 41.73 0.70 7.45
N ASN A 210 41.17 -0.15 8.34
CA ASN A 210 40.22 0.30 9.37
C ASN A 210 40.83 1.46 10.16
N SER A 211 42.13 1.35 10.52
CA SER A 211 42.89 2.39 11.20
C SER A 211 42.98 3.67 10.36
N GLU A 212 43.18 3.53 9.02
CA GLU A 212 43.24 4.68 8.09
C GLU A 212 41.90 5.42 8.04
N VAL A 213 40.77 4.66 7.88
CA VAL A 213 39.40 5.18 7.84
C VAL A 213 39.08 5.98 9.11
N VAL A 214 39.25 5.37 10.30
CA VAL A 214 39.02 5.99 11.61
C VAL A 214 39.75 7.33 11.76
N GLU A 215 41.05 7.34 11.41
CA GLU A 215 41.91 8.51 11.49
C GLU A 215 41.46 9.63 10.57
N ASP A 216 41.34 9.33 9.26
CA ASP A 216 40.91 10.25 8.20
C ASP A 216 39.58 10.95 8.52
N ILE A 217 38.54 10.18 8.91
CA ILE A 217 37.22 10.71 9.26
C ILE A 217 37.28 11.61 10.51
N SER A 218 38.17 11.29 11.47
CA SER A 218 38.36 12.09 12.69
C SER A 218 39.02 13.45 12.39
N THR A 219 39.81 13.55 11.31
CA THR A 219 40.47 14.81 10.92
C THR A 219 39.54 15.72 10.07
N GLY A 220 38.45 15.16 9.54
CA GLY A 220 37.47 15.91 8.76
C GLY A 220 37.33 15.52 7.31
N PHE A 221 38.14 14.55 6.85
CA PHE A 221 38.12 14.05 5.48
C PHE A 221 36.85 13.28 5.21
N ARG A 222 36.20 13.59 4.09
CA ARG A 222 34.98 12.92 3.69
C ARG A 222 35.12 12.32 2.30
N LEU A 223 34.21 11.39 1.94
CA LEU A 223 34.19 10.76 0.64
C LEU A 223 33.90 11.85 -0.39
N TYR A 224 34.67 11.84 -1.48
CA TYR A 224 34.54 12.79 -2.57
C TYR A 224 33.19 12.62 -3.27
N LYS A 225 32.72 13.68 -3.92
CA LYS A 225 31.47 13.74 -4.67
C LYS A 225 31.49 12.81 -5.90
N PRO A 226 30.56 11.83 -6.01
CA PRO A 226 30.52 11.00 -7.23
C PRO A 226 30.10 11.84 -8.45
N ARG A 227 30.54 11.43 -9.66
CA ARG A 227 30.27 12.11 -10.95
C ARG A 227 28.79 12.41 -11.15
N LEU A 228 27.94 11.36 -11.01
CA LEU A 228 26.50 11.44 -11.20
C LEU A 228 25.73 12.17 -10.07
N ALA A 229 26.39 12.45 -8.94
CA ALA A 229 25.76 13.18 -7.83
C ALA A 229 25.88 14.68 -8.01
N SER A 230 24.76 15.40 -7.84
CA SER A 230 24.71 16.86 -7.97
C SER A 230 25.39 17.57 -6.76
N THR A 231 25.35 18.92 -6.74
CA THR A 231 25.89 19.76 -5.68
C THR A 231 24.97 19.62 -4.47
N HIS A 232 23.64 19.78 -4.71
CA HIS A 232 22.58 19.68 -3.68
C HIS A 232 22.63 18.28 -3.02
N VAL A 233 22.81 17.23 -3.85
CA VAL A 233 22.91 15.84 -3.39
C VAL A 233 24.16 15.68 -2.50
N TYR A 234 25.31 16.29 -2.90
CA TYR A 234 26.54 16.24 -2.12
C TYR A 234 26.44 16.97 -0.78
N GLN A 235 25.61 18.03 -0.70
CA GLN A 235 25.35 18.75 0.53
C GLN A 235 24.63 17.77 1.48
N ILE A 236 23.56 17.07 0.98
CA ILE A 236 22.76 16.07 1.71
C ILE A 236 23.69 15.01 2.32
N MET A 237 24.57 14.44 1.48
CA MET A 237 25.54 13.42 1.86
C MET A 237 26.46 13.92 2.98
N ASN A 238 26.89 15.20 2.91
CA ASN A 238 27.76 15.80 3.92
C ASN A 238 27.07 16.04 5.24
N HIS A 239 25.75 16.32 5.21
CA HIS A 239 24.96 16.53 6.41
C HIS A 239 24.79 15.21 7.16
N CYS A 240 24.74 14.10 6.43
CA CYS A 240 24.69 12.75 6.98
C CYS A 240 26.02 12.44 7.67
N TRP A 241 27.12 13.13 7.23
CA TRP A 241 28.47 12.92 7.74
C TRP A 241 28.98 13.99 8.74
N LYS A 242 28.08 14.63 9.50
CA LYS A 242 28.49 15.60 10.52
C LYS A 242 29.01 14.81 11.74
N GLU A 243 30.16 15.22 12.32
CA GLU A 243 30.85 14.59 13.47
C GLU A 243 29.89 14.20 14.59
N ARG A 244 29.04 15.17 15.01
CA ARG A 244 28.06 15.01 16.08
C ARG A 244 26.77 14.43 15.51
N PRO A 245 26.13 13.43 16.17
CA PRO A 245 24.87 12.88 15.63
C PRO A 245 23.71 13.89 15.63
N GLU A 246 23.72 14.79 16.63
CA GLU A 246 22.75 15.88 16.84
C GLU A 246 22.74 16.90 15.71
N ASP A 247 23.82 16.95 14.89
CA ASP A 247 23.98 17.84 13.73
C ASP A 247 23.47 17.18 12.44
N ARG A 248 23.33 15.84 12.44
CA ARG A 248 22.86 15.09 11.28
C ARG A 248 21.34 15.26 11.13
N PRO A 249 20.81 15.32 9.88
CA PRO A 249 19.35 15.43 9.73
C PRO A 249 18.68 14.08 9.97
N ALA A 250 17.45 14.09 10.51
CA ALA A 250 16.68 12.87 10.74
C ALA A 250 16.16 12.37 9.38
N PHE A 251 15.80 11.06 9.30
CA PHE A 251 15.26 10.45 8.08
C PHE A 251 13.97 11.14 7.60
N SER A 252 13.14 11.65 8.53
CA SER A 252 11.92 12.41 8.19
C SER A 252 12.27 13.71 7.44
N ARG A 253 13.36 14.41 7.86
CA ARG A 253 13.84 15.64 7.25
C ARG A 253 14.46 15.33 5.90
N LEU A 254 15.28 14.24 5.85
CA LEU A 254 15.96 13.77 4.65
C LEU A 254 14.96 13.37 3.57
N LEU A 255 13.83 12.71 3.99
CA LEU A 255 12.79 12.28 3.06
C LEU A 255 12.16 13.46 2.34
N ARG A 256 11.64 14.45 3.09
CA ARG A 256 11.04 15.67 2.56
C ARG A 256 11.98 16.38 1.57
N GLN A 257 13.29 16.47 1.91
CA GLN A 257 14.32 17.08 1.07
C GLN A 257 14.57 16.25 -0.20
N LEU A 258 14.66 14.92 -0.08
CA LEU A 258 14.89 14.03 -1.22
C LEU A 258 13.68 13.93 -2.15
N ALA A 259 12.47 13.99 -1.58
CA ALA A 259 11.20 13.96 -2.31
C ALA A 259 11.04 15.25 -3.11
N GLU A 260 11.43 16.40 -2.51
CA GLU A 260 11.38 17.72 -3.16
C GLU A 260 12.25 17.76 -4.41
N ILE A 261 13.48 17.20 -4.34
CA ILE A 261 14.43 17.15 -5.45
C ILE A 261 13.85 16.30 -6.58
N ALA A 262 13.23 15.16 -6.22
CA ALA A 262 12.61 14.21 -7.14
C ALA A 262 11.42 14.82 -7.90
N GLU A 263 10.54 15.58 -7.19
CA GLU A 263 9.36 16.19 -7.83
C GLU A 263 9.74 17.36 -8.77
N SER A 264 10.92 17.97 -8.55
CA SER A 264 11.43 19.07 -9.39
C SER A 264 12.78 18.66 -10.00
N GLY A 265 13.87 19.26 -9.53
CA GLY A 265 15.23 18.97 -10.01
C GLY A 265 16.24 20.04 -9.65
N VAL B 3 3.42 -15.48 13.06
CA VAL B 3 2.69 -16.51 12.33
C VAL B 3 3.69 -17.58 11.82
N ILE B 4 3.34 -18.85 12.04
CA ILE B 4 4.16 -20.03 11.68
C ILE B 4 3.63 -20.74 10.44
N ASP B 5 4.55 -21.39 9.69
CA ASP B 5 4.29 -22.17 8.48
C ASP B 5 4.66 -23.64 8.73
N PRO B 6 3.83 -24.62 8.30
CA PRO B 6 4.20 -26.03 8.52
C PRO B 6 5.22 -26.52 7.49
N SER B 7 4.78 -26.71 6.24
CA SER B 7 5.54 -27.15 5.07
C SER B 7 4.64 -27.27 3.85
N GLU B 8 4.31 -26.09 3.34
CA GLU B 8 3.57 -25.72 2.14
C GLU B 8 4.62 -24.93 1.32
N LEU B 9 5.89 -25.08 1.74
CA LEU B 9 7.08 -24.49 1.16
C LEU B 9 7.74 -25.50 0.25
N THR B 10 8.07 -25.05 -0.95
CA THR B 10 8.76 -25.82 -1.97
C THR B 10 10.08 -25.09 -2.24
N PHE B 11 11.21 -25.77 -2.06
CA PHE B 11 12.53 -25.21 -2.34
C PHE B 11 12.81 -25.40 -3.84
N VAL B 12 13.56 -24.47 -4.45
CA VAL B 12 13.83 -24.53 -5.90
C VAL B 12 15.32 -24.51 -6.17
N GLN B 13 15.99 -23.40 -5.80
CA GLN B 13 17.42 -23.17 -6.05
C GLN B 13 18.01 -22.18 -5.04
N GLU B 14 19.35 -22.20 -4.87
CA GLU B 14 20.08 -21.27 -3.99
C GLU B 14 20.13 -19.90 -4.67
N ILE B 15 20.20 -18.82 -3.87
CA ILE B 15 20.27 -17.43 -4.36
C ILE B 15 21.24 -16.57 -3.52
N GLY B 16 21.23 -16.77 -2.19
CA GLY B 16 22.08 -16.03 -1.26
C GLY B 16 23.44 -16.64 -1.01
N SER B 17 24.37 -15.84 -0.44
CA SER B 17 25.75 -16.24 -0.13
C SER B 17 26.29 -15.56 1.13
N GLY B 21 23.58 -15.24 4.51
CA GLY B 21 23.91 -16.66 4.59
C GLY B 21 23.39 -17.44 3.41
N LEU B 22 22.84 -18.65 3.67
CA LEU B 22 22.28 -19.48 2.60
C LEU B 22 20.77 -19.21 2.44
N VAL B 23 20.42 -18.68 1.26
CA VAL B 23 19.05 -18.31 0.90
C VAL B 23 18.61 -19.17 -0.26
N HIS B 24 17.29 -19.35 -0.41
CA HIS B 24 16.69 -20.13 -1.49
C HIS B 24 15.50 -19.42 -2.11
N LEU B 25 15.31 -19.60 -3.45
CA LEU B 25 14.13 -19.15 -4.16
C LEU B 25 13.17 -20.33 -3.97
N GLY B 26 11.97 -20.03 -3.50
CA GLY B 26 10.96 -21.06 -3.26
C GLY B 26 9.56 -20.56 -3.51
N TYR B 27 8.59 -21.46 -3.45
CA TYR B 27 7.19 -21.11 -3.63
C TYR B 27 6.46 -21.38 -2.34
N TRP B 28 5.45 -20.55 -2.06
CA TRP B 28 4.66 -20.70 -0.87
C TRP B 28 3.21 -20.83 -1.28
N LEU B 29 2.77 -22.08 -1.49
CA LEU B 29 1.39 -22.38 -1.90
C LEU B 29 0.44 -22.33 -0.70
N ASN B 30 -0.14 -21.12 -0.47
CA ASN B 30 -1.07 -20.83 0.61
C ASN B 30 -2.52 -20.64 0.14
N LYS B 31 -3.50 -21.05 0.99
CA LYS B 31 -4.94 -20.97 0.76
C LYS B 31 -5.46 -19.57 1.13
N ASP B 32 -5.65 -18.70 0.14
CA ASP B 32 -6.15 -17.35 0.38
C ASP B 32 -7.64 -17.25 0.14
N LYS B 33 -8.37 -16.70 1.13
CA LYS B 33 -9.82 -16.50 1.03
C LYS B 33 -10.13 -15.50 -0.10
N VAL B 34 -10.96 -15.92 -1.04
CA VAL B 34 -11.40 -15.10 -2.17
C VAL B 34 -12.92 -15.16 -2.30
N ALA B 35 -13.51 -14.19 -3.02
CA ALA B 35 -14.93 -14.17 -3.34
C ALA B 35 -15.05 -14.41 -4.84
N ILE B 36 -15.76 -15.48 -5.22
CA ILE B 36 -15.91 -15.93 -6.61
C ILE B 36 -17.32 -15.63 -7.11
N LYS B 37 -17.42 -14.83 -8.17
CA LYS B 37 -18.69 -14.47 -8.80
C LYS B 37 -18.89 -15.30 -10.07
N THR B 38 -19.95 -16.11 -10.12
CA THR B 38 -20.14 -16.89 -11.34
C THR B 38 -21.00 -16.11 -12.36
N ILE B 39 -20.81 -16.42 -13.66
CA ILE B 39 -21.53 -15.87 -14.82
C ILE B 39 -21.97 -17.03 -15.70
N MET B 44 -20.27 -15.81 -24.44
CA MET B 44 -20.10 -14.81 -25.50
C MET B 44 -18.87 -13.92 -25.29
N SER B 45 -18.14 -13.60 -26.39
CA SER B 45 -16.92 -12.78 -26.46
C SER B 45 -15.86 -13.19 -25.41
N GLU B 46 -15.11 -14.27 -25.70
CA GLU B 46 -14.08 -14.82 -24.82
C GLU B 46 -12.82 -13.93 -24.78
N GLU B 47 -12.34 -13.46 -25.95
CA GLU B 47 -11.16 -12.59 -26.11
C GLU B 47 -11.35 -11.23 -25.43
N ASP B 48 -12.55 -10.64 -25.57
CA ASP B 48 -12.92 -9.34 -25.01
C ASP B 48 -12.95 -9.33 -23.48
N PHE B 49 -13.39 -10.44 -22.85
CA PHE B 49 -13.50 -10.55 -21.40
C PHE B 49 -12.14 -10.67 -20.70
N ILE B 50 -11.12 -11.22 -21.41
CA ILE B 50 -9.75 -11.32 -20.89
C ILE B 50 -9.17 -9.89 -20.80
N GLU B 51 -9.47 -9.06 -21.82
CA GLU B 51 -9.04 -7.65 -21.90
C GLU B 51 -9.77 -6.78 -20.87
N GLU B 52 -11.10 -6.96 -20.76
CA GLU B 52 -11.99 -6.24 -19.84
C GLU B 52 -11.56 -6.44 -18.38
N ALA B 53 -11.16 -7.68 -18.03
CA ALA B 53 -10.69 -8.06 -16.70
C ALA B 53 -9.33 -7.44 -16.43
N GLU B 54 -8.43 -7.45 -17.43
CA GLU B 54 -7.07 -6.88 -17.38
C GLU B 54 -7.10 -5.35 -17.20
N VAL B 55 -8.15 -4.69 -17.73
CA VAL B 55 -8.39 -3.25 -17.64
C VAL B 55 -8.83 -2.91 -16.20
N MET B 56 -9.74 -3.73 -15.64
CA MET B 56 -10.25 -3.63 -14.27
C MET B 56 -9.14 -3.96 -13.26
N MET B 57 -8.26 -4.93 -13.60
CA MET B 57 -7.11 -5.35 -12.80
C MET B 57 -6.11 -4.22 -12.60
N LYS B 58 -5.95 -3.36 -13.63
CA LYS B 58 -5.09 -2.18 -13.61
C LYS B 58 -5.64 -1.07 -12.70
N LEU B 59 -6.95 -1.11 -12.37
CA LEU B 59 -7.57 -0.14 -11.46
C LEU B 59 -7.32 -0.58 -10.01
N SER B 60 -6.05 -0.45 -9.58
CA SER B 60 -5.61 -0.81 -8.25
C SER B 60 -5.58 0.39 -7.32
N HIS B 61 -6.19 0.22 -6.14
CA HIS B 61 -6.27 1.21 -5.07
C HIS B 61 -6.65 0.47 -3.78
N PRO B 62 -6.09 0.84 -2.60
CA PRO B 62 -6.48 0.14 -1.35
C PRO B 62 -7.97 0.25 -0.99
N LYS B 63 -8.71 1.23 -1.54
CA LYS B 63 -10.14 1.43 -1.22
C LYS B 63 -11.12 0.90 -2.31
N LEU B 64 -10.58 0.05 -3.20
CA LEU B 64 -11.35 -0.64 -4.24
C LEU B 64 -11.12 -2.14 -4.06
N VAL B 65 -12.19 -2.93 -4.19
CA VAL B 65 -12.09 -4.40 -4.10
C VAL B 65 -11.31 -4.88 -5.33
N GLN B 66 -10.17 -5.52 -5.09
CA GLN B 66 -9.31 -6.03 -6.14
C GLN B 66 -9.80 -7.35 -6.75
N LEU B 67 -9.75 -7.41 -8.09
CA LEU B 67 -10.07 -8.54 -8.94
C LEU B 67 -8.73 -9.22 -9.28
N TYR B 68 -8.53 -10.44 -8.78
CA TYR B 68 -7.32 -11.23 -8.98
C TYR B 68 -7.22 -11.91 -10.36
N GLY B 69 -8.36 -12.23 -10.98
CA GLY B 69 -8.39 -12.88 -12.28
C GLY B 69 -9.72 -13.49 -12.68
N VAL B 70 -9.72 -14.20 -13.82
CA VAL B 70 -10.92 -14.85 -14.40
C VAL B 70 -10.66 -16.34 -14.74
N CYS B 71 -11.74 -17.15 -14.80
CA CYS B 71 -11.65 -18.58 -15.17
C CYS B 71 -12.57 -18.87 -16.32
N LEU B 72 -11.96 -19.18 -17.46
CA LEU B 72 -12.62 -19.41 -18.75
C LEU B 72 -12.67 -20.90 -19.19
N GLU B 73 -12.18 -21.86 -18.36
CA GLU B 73 -12.14 -23.30 -18.66
C GLU B 73 -13.54 -23.96 -18.62
N GLN B 74 -14.50 -23.30 -19.29
CA GLN B 74 -15.94 -23.60 -19.44
C GLN B 74 -16.61 -23.92 -18.07
N ALA B 75 -17.81 -24.59 -18.10
CA ALA B 75 -18.68 -24.90 -16.94
C ALA B 75 -19.10 -23.52 -16.35
N PRO B 76 -19.63 -23.33 -15.11
CA PRO B 76 -19.92 -21.96 -14.68
C PRO B 76 -18.62 -21.14 -14.58
N ILE B 77 -18.41 -20.23 -15.57
CA ILE B 77 -17.27 -19.31 -15.73
C ILE B 77 -17.32 -18.30 -14.56
N CYS B 78 -16.14 -17.84 -14.07
CA CYS B 78 -16.10 -16.99 -12.88
C CYS B 78 -15.01 -15.89 -12.84
N LEU B 79 -15.24 -14.86 -11.98
CA LEU B 79 -14.38 -13.72 -11.65
C LEU B 79 -13.89 -13.89 -10.19
N VAL B 80 -12.57 -13.76 -9.96
CA VAL B 80 -11.98 -13.94 -8.62
C VAL B 80 -11.68 -12.58 -7.98
N PHE B 81 -12.36 -12.28 -6.87
CA PHE B 81 -12.19 -11.03 -6.12
C PHE B 81 -11.61 -11.28 -4.74
N GLU B 82 -11.06 -10.22 -4.14
CA GLU B 82 -10.53 -10.16 -2.78
C GLU B 82 -11.70 -10.34 -1.81
N PHE B 83 -11.53 -11.22 -0.83
CA PHE B 83 -12.59 -11.48 0.14
C PHE B 83 -12.68 -10.37 1.18
N MET B 84 -13.89 -9.83 1.35
CA MET B 84 -14.18 -8.78 2.33
C MET B 84 -14.86 -9.48 3.49
N GLU B 85 -14.13 -9.62 4.61
CA GLU B 85 -14.53 -10.42 5.78
C GLU B 85 -15.91 -10.07 6.38
N HIS B 86 -16.40 -8.82 6.23
CA HIS B 86 -17.68 -8.45 6.85
C HIS B 86 -18.87 -8.23 5.89
N GLY B 87 -18.73 -8.61 4.63
CA GLY B 87 -19.81 -8.48 3.65
C GLY B 87 -20.07 -7.07 3.18
N CYS B 88 -21.31 -6.81 2.71
CA CYS B 88 -21.64 -5.47 2.20
C CYS B 88 -22.01 -4.48 3.30
N LEU B 89 -21.62 -3.20 3.06
CA LEU B 89 -21.83 -2.04 3.92
C LEU B 89 -23.30 -1.89 4.31
N SER B 90 -24.23 -2.04 3.34
CA SER B 90 -25.68 -1.96 3.57
C SER B 90 -26.11 -2.89 4.70
N ASP B 91 -25.67 -4.16 4.67
CA ASP B 91 -25.99 -5.13 5.71
C ASP B 91 -25.23 -4.88 7.01
N TYR B 92 -23.94 -4.50 6.92
CA TYR B 92 -23.09 -4.20 8.08
C TYR B 92 -23.68 -3.08 8.94
N LEU B 93 -24.19 -2.00 8.31
CA LEU B 93 -24.80 -0.87 9.00
C LEU B 93 -26.08 -1.28 9.74
N ARG B 94 -27.01 -1.91 9.02
CA ARG B 94 -28.32 -2.38 9.51
C ARG B 94 -28.25 -3.32 10.71
N THR B 95 -27.25 -4.22 10.74
CA THR B 95 -27.10 -5.21 11.81
C THR B 95 -26.36 -4.65 13.04
N GLN B 96 -25.77 -3.45 12.89
CA GLN B 96 -25.05 -2.75 13.95
C GLN B 96 -25.71 -1.43 14.36
N ARG B 97 -26.91 -1.15 13.83
CA ARG B 97 -27.67 0.07 14.11
C ARG B 97 -27.83 0.36 15.60
N GLY B 98 -27.39 1.55 16.02
CA GLY B 98 -27.44 2.03 17.41
C GLY B 98 -26.17 1.77 18.18
N LEU B 99 -25.11 1.32 17.49
CA LEU B 99 -23.83 1.00 18.13
C LEU B 99 -22.68 1.81 17.52
N PHE B 100 -23.00 2.66 16.53
CA PHE B 100 -22.01 3.49 15.85
C PHE B 100 -21.79 4.87 16.45
N ALA B 101 -20.53 5.29 16.38
CA ALA B 101 -20.07 6.60 16.75
C ALA B 101 -19.94 7.34 15.41
N ALA B 102 -20.33 8.63 15.36
CA ALA B 102 -20.28 9.47 14.15
C ALA B 102 -18.90 9.46 13.45
N GLU B 103 -17.82 9.25 14.24
CA GLU B 103 -16.41 9.18 13.82
C GLU B 103 -16.23 7.97 12.89
N THR B 104 -16.76 6.78 13.29
CA THR B 104 -16.71 5.52 12.51
C THR B 104 -17.39 5.72 11.14
N LEU B 105 -18.58 6.37 11.15
CA LEU B 105 -19.39 6.62 9.97
C LEU B 105 -18.70 7.57 8.98
N LEU B 106 -18.10 8.66 9.47
CA LEU B 106 -17.32 9.61 8.66
C LEU B 106 -16.10 8.90 8.08
N GLY B 107 -15.54 7.96 8.82
CA GLY B 107 -14.40 7.17 8.38
C GLY B 107 -14.77 6.33 7.17
N MET B 108 -15.96 5.69 7.22
CA MET B 108 -16.53 4.86 6.17
C MET B 108 -16.70 5.68 4.88
N CYS B 109 -17.23 6.90 5.00
CA CYS B 109 -17.41 7.85 3.90
C CYS B 109 -16.08 8.28 3.30
N LEU B 110 -15.07 8.45 4.16
CA LEU B 110 -13.72 8.85 3.74
C LEU B 110 -13.10 7.77 2.87
N ASP B 111 -13.22 6.50 3.28
CA ASP B 111 -12.73 5.33 2.53
C ASP B 111 -13.36 5.28 1.13
N VAL B 112 -14.70 5.40 1.05
CA VAL B 112 -15.47 5.43 -0.21
C VAL B 112 -14.97 6.57 -1.12
N CYS B 113 -14.83 7.79 -0.55
CA CYS B 113 -14.33 8.98 -1.26
C CYS B 113 -12.90 8.80 -1.76
N GLU B 114 -12.02 8.12 -0.97
CA GLU B 114 -10.64 7.85 -1.39
C GLU B 114 -10.63 7.01 -2.66
N GLY B 115 -11.40 5.91 -2.66
CA GLY B 115 -11.56 5.01 -3.81
C GLY B 115 -12.14 5.71 -5.01
N MET B 116 -13.18 6.53 -4.78
CA MET B 116 -13.88 7.32 -5.78
C MET B 116 -13.01 8.42 -6.39
N ALA B 117 -12.16 9.05 -5.57
CA ALA B 117 -11.21 10.06 -6.03
C ALA B 117 -10.20 9.43 -6.98
N TYR B 118 -9.88 8.13 -6.78
CA TYR B 118 -8.98 7.40 -7.67
C TYR B 118 -9.72 7.08 -9.01
N LEU B 119 -10.98 6.63 -8.92
CA LEU B 119 -11.81 6.33 -10.08
C LEU B 119 -12.04 7.58 -10.93
N GLU B 120 -12.29 8.73 -10.29
CA GLU B 120 -12.48 10.03 -10.96
C GLU B 120 -11.20 10.41 -11.75
N GLU B 121 -10.03 10.22 -11.12
CA GLU B 121 -8.73 10.53 -11.70
C GLU B 121 -8.42 9.65 -12.89
N ALA B 122 -8.82 8.36 -12.80
CA ALA B 122 -8.63 7.35 -13.83
C ALA B 122 -9.64 7.49 -14.95
N CYS B 123 -10.65 8.38 -14.81
CA CYS B 123 -11.74 8.62 -15.77
C CYS B 123 -12.72 7.42 -15.85
N VAL B 124 -13.03 6.82 -14.70
CA VAL B 124 -13.96 5.70 -14.64
C VAL B 124 -15.25 6.13 -13.93
N ILE B 125 -16.41 5.99 -14.62
CA ILE B 125 -17.71 6.32 -14.03
C ILE B 125 -18.28 5.02 -13.47
N HIS B 126 -18.46 4.95 -12.13
CA HIS B 126 -19.00 3.78 -11.42
C HIS B 126 -20.38 3.42 -11.98
N ARG B 127 -21.26 4.44 -12.17
CA ARG B 127 -22.63 4.37 -12.69
C ARG B 127 -23.65 3.91 -11.65
N ASP B 128 -23.22 3.17 -10.59
CA ASP B 128 -24.14 2.71 -9.54
C ASP B 128 -23.45 2.56 -8.17
N LEU B 129 -23.15 3.70 -7.54
CA LEU B 129 -22.51 3.77 -6.24
C LEU B 129 -23.59 3.84 -5.14
N ALA B 130 -23.60 2.85 -4.24
CA ALA B 130 -24.56 2.70 -3.15
C ALA B 130 -23.94 1.84 -2.04
N ALA B 131 -24.51 1.84 -0.82
CA ALA B 131 -23.95 1.05 0.28
C ALA B 131 -23.93 -0.46 -0.02
N ARG B 132 -24.90 -0.96 -0.82
CA ARG B 132 -24.98 -2.36 -1.27
C ARG B 132 -23.80 -2.76 -2.17
N ASN B 133 -23.18 -1.77 -2.83
CA ASN B 133 -22.02 -1.92 -3.73
C ASN B 133 -20.69 -1.72 -2.98
N CYS B 134 -20.77 -1.40 -1.70
CA CYS B 134 -19.58 -1.20 -0.90
C CYS B 134 -19.45 -2.33 0.09
N LEU B 135 -18.20 -2.73 0.37
CA LEU B 135 -17.93 -3.86 1.26
C LEU B 135 -17.03 -3.52 2.42
N VAL B 136 -17.23 -4.21 3.56
CA VAL B 136 -16.51 -4.01 4.82
C VAL B 136 -15.40 -5.08 5.01
N GLY B 137 -14.16 -4.63 5.11
CA GLY B 137 -13.01 -5.51 5.29
C GLY B 137 -12.37 -5.46 6.66
N GLU B 138 -11.03 -5.69 6.70
CA GLU B 138 -10.18 -5.70 7.90
C GLU B 138 -10.28 -4.38 8.66
N ASN B 139 -10.61 -4.46 9.97
CA ASN B 139 -10.81 -3.35 10.91
C ASN B 139 -11.68 -2.21 10.32
N GLN B 140 -12.93 -2.59 9.93
CA GLN B 140 -14.00 -1.75 9.40
C GLN B 140 -13.63 -0.86 8.17
N VAL B 141 -12.59 -1.25 7.39
CA VAL B 141 -12.19 -0.52 6.17
C VAL B 141 -13.24 -0.77 5.09
N ILE B 142 -13.72 0.31 4.43
CA ILE B 142 -14.72 0.18 3.38
C ILE B 142 -14.06 0.24 2.00
N LYS B 143 -14.42 -0.72 1.13
CA LYS B 143 -13.92 -0.76 -0.24
C LYS B 143 -15.05 -0.71 -1.23
N VAL B 144 -14.86 0.04 -2.32
CA VAL B 144 -15.83 0.21 -3.40
C VAL B 144 -15.74 -1.00 -4.33
N SER B 145 -16.89 -1.44 -4.86
CA SER B 145 -16.96 -2.58 -5.75
C SER B 145 -18.09 -2.45 -6.80
N ASP B 146 -18.22 -3.47 -7.67
CA ASP B 146 -19.24 -3.68 -8.69
C ASP B 146 -19.30 -2.53 -9.73
N PHE B 147 -18.31 -2.53 -10.66
CA PHE B 147 -18.18 -1.55 -11.75
C PHE B 147 -17.45 -2.14 -12.97
N PRO B 167 -32.42 1.61 -8.99
CA PRO B 167 -31.22 2.45 -8.85
C PRO B 167 -31.51 3.96 -8.95
N VAL B 168 -32.79 4.34 -9.19
CA VAL B 168 -33.28 5.73 -9.32
C VAL B 168 -33.01 6.58 -8.04
N LYS B 169 -33.11 5.94 -6.84
CA LYS B 169 -32.85 6.55 -5.53
C LYS B 169 -31.40 7.08 -5.39
N TRP B 170 -30.44 6.51 -6.16
CA TRP B 170 -29.04 6.94 -6.18
C TRP B 170 -28.71 7.74 -7.45
N ALA B 171 -29.72 7.97 -8.31
CA ALA B 171 -29.57 8.69 -9.59
C ALA B 171 -29.69 10.20 -9.47
N SER B 172 -28.93 10.92 -10.28
CA SER B 172 -28.96 12.38 -10.33
C SER B 172 -30.01 12.79 -11.37
N PRO B 173 -30.53 14.05 -11.33
CA PRO B 173 -31.51 14.46 -12.36
C PRO B 173 -31.10 14.15 -13.81
N GLU B 174 -29.84 14.45 -14.22
CA GLU B 174 -29.32 14.15 -15.58
C GLU B 174 -29.32 12.67 -15.86
N VAL B 175 -29.13 11.85 -14.82
CA VAL B 175 -29.08 10.40 -14.97
C VAL B 175 -30.49 9.81 -15.11
N PHE B 176 -31.38 10.03 -14.12
CA PHE B 176 -32.73 9.44 -14.24
C PHE B 176 -33.56 10.04 -15.41
N SER B 177 -33.30 11.31 -15.78
CA SER B 177 -34.02 11.95 -16.89
C SER B 177 -33.42 11.64 -18.26
N PHE B 178 -32.08 11.62 -18.39
CA PHE B 178 -31.40 11.47 -19.69
C PHE B 178 -30.32 10.41 -19.81
N SER B 179 -29.90 9.80 -18.70
CA SER B 179 -28.79 8.84 -18.63
C SER B 179 -27.43 9.53 -18.98
N ARG B 180 -27.27 10.79 -18.51
CA ARG B 180 -26.06 11.59 -18.68
C ARG B 180 -25.12 11.37 -17.51
N TYR B 181 -24.37 10.26 -17.56
CA TYR B 181 -23.41 9.83 -16.55
C TYR B 181 -22.08 10.59 -16.65
N SER B 182 -21.43 10.84 -15.49
CA SER B 182 -20.13 11.51 -15.34
C SER B 182 -19.67 11.33 -13.88
N SER B 183 -18.44 11.78 -13.54
CA SER B 183 -17.96 11.68 -12.16
C SER B 183 -18.86 12.50 -11.21
N LYS B 184 -19.47 13.58 -11.72
CA LYS B 184 -20.41 14.43 -11.00
C LYS B 184 -21.74 13.72 -10.73
N SER B 185 -22.13 12.78 -11.61
CA SER B 185 -23.33 11.97 -11.36
C SER B 185 -23.02 10.92 -10.29
N ASP B 186 -21.75 10.44 -10.21
CA ASP B 186 -21.27 9.53 -9.17
C ASP B 186 -21.17 10.29 -7.84
N VAL B 187 -20.91 11.62 -7.89
CA VAL B 187 -20.87 12.51 -6.72
C VAL B 187 -22.25 12.58 -6.07
N TRP B 188 -23.33 12.66 -6.87
CA TRP B 188 -24.70 12.68 -6.36
C TRP B 188 -24.95 11.38 -5.56
N SER B 189 -24.69 10.21 -6.17
CA SER B 189 -24.85 8.88 -5.57
C SER B 189 -24.09 8.76 -4.24
N PHE B 190 -22.93 9.44 -4.11
CA PHE B 190 -22.08 9.49 -2.91
C PHE B 190 -22.78 10.29 -1.79
N GLY B 191 -23.58 11.29 -2.17
CA GLY B 191 -24.38 12.07 -1.24
C GLY B 191 -25.40 11.16 -0.61
N VAL B 192 -26.05 10.31 -1.43
CA VAL B 192 -27.04 9.30 -1.00
C VAL B 192 -26.35 8.23 -0.12
N LEU B 193 -25.15 7.75 -0.53
CA LEU B 193 -24.36 6.77 0.19
C LEU B 193 -24.03 7.28 1.60
N MET B 194 -23.57 8.57 1.70
CA MET B 194 -23.24 9.26 2.95
C MET B 194 -24.45 9.20 3.88
N TRP B 195 -25.66 9.53 3.35
CA TRP B 195 -26.90 9.50 4.10
C TRP B 195 -27.16 8.08 4.61
N GLU B 196 -26.97 7.05 3.72
CA GLU B 196 -27.13 5.65 4.10
C GLU B 196 -26.21 5.28 5.27
N VAL B 197 -24.98 5.81 5.26
CA VAL B 197 -23.99 5.58 6.31
C VAL B 197 -24.43 6.21 7.66
N PHE B 198 -24.66 7.54 7.67
CA PHE B 198 -25.02 8.31 8.88
C PHE B 198 -26.42 8.00 9.44
N SER B 199 -27.27 7.31 8.66
CA SER B 199 -28.61 6.91 9.08
C SER B 199 -28.57 5.45 9.53
N GLU B 200 -27.34 4.87 9.55
CA GLU B 200 -27.02 3.49 9.92
C GLU B 200 -27.81 2.48 9.08
N GLY B 201 -27.76 2.67 7.77
CA GLY B 201 -28.36 1.79 6.76
C GLY B 201 -29.84 1.93 6.49
N LYS B 202 -30.40 3.12 6.66
CA LYS B 202 -31.83 3.29 6.36
C LYS B 202 -32.07 3.39 4.85
N ILE B 203 -33.25 2.96 4.40
CA ILE B 203 -33.62 2.96 2.98
C ILE B 203 -33.92 4.39 2.51
N PRO B 204 -33.13 4.96 1.55
CA PRO B 204 -33.44 6.31 1.06
C PRO B 204 -34.77 6.31 0.34
N TYR B 205 -35.61 7.35 0.59
CA TYR B 205 -36.96 7.52 0.02
C TYR B 205 -37.76 6.22 0.25
N GLU B 206 -37.80 5.78 1.53
CA GLU B 206 -38.38 4.53 2.07
C GLU B 206 -39.58 4.00 1.27
N ASN B 207 -40.73 4.69 1.28
CA ASN B 207 -41.90 4.22 0.54
C ASN B 207 -42.28 5.21 -0.56
N ARG B 208 -41.44 5.22 -1.58
CA ARG B 208 -41.52 6.12 -2.72
C ARG B 208 -41.27 5.33 -3.99
N SER B 209 -42.15 5.51 -4.99
CA SER B 209 -42.03 4.84 -6.29
C SER B 209 -41.00 5.57 -7.14
N ASN B 210 -40.49 4.91 -8.20
CA ASN B 210 -39.50 5.48 -9.13
C ASN B 210 -39.96 6.84 -9.65
N SER B 211 -41.26 6.97 -10.00
CA SER B 211 -41.88 8.21 -10.46
C SER B 211 -41.97 9.24 -9.34
N GLU B 212 -42.27 8.80 -8.10
CA GLU B 212 -42.37 9.70 -6.94
C GLU B 212 -41.02 10.29 -6.55
N VAL B 213 -39.94 9.49 -6.64
CA VAL B 213 -38.58 9.96 -6.32
C VAL B 213 -38.23 11.08 -7.31
N VAL B 214 -38.49 10.86 -8.62
CA VAL B 214 -38.27 11.83 -9.69
C VAL B 214 -39.05 13.13 -9.40
N GLU B 215 -40.36 12.97 -9.04
CA GLU B 215 -41.23 14.09 -8.71
C GLU B 215 -40.67 14.86 -7.51
N ASP B 216 -40.35 14.14 -6.40
CA ASP B 216 -39.81 14.71 -5.17
C ASP B 216 -38.51 15.49 -5.41
N ILE B 217 -37.51 14.87 -6.09
CA ILE B 217 -36.24 15.55 -6.36
C ILE B 217 -36.48 16.80 -7.24
N SER B 218 -37.31 16.67 -8.30
CA SER B 218 -37.69 17.78 -9.21
C SER B 218 -38.37 18.91 -8.45
N THR B 219 -39.29 18.59 -7.52
CA THR B 219 -40.02 19.57 -6.70
C THR B 219 -39.11 20.21 -5.61
N GLY B 220 -37.86 19.75 -5.50
CA GLY B 220 -36.86 20.27 -4.58
C GLY B 220 -36.63 19.54 -3.28
N PHE B 221 -37.30 18.39 -3.06
CA PHE B 221 -37.14 17.60 -1.85
C PHE B 221 -35.76 16.94 -1.78
N ARG B 222 -35.13 17.01 -0.61
CA ARG B 222 -33.84 16.39 -0.32
C ARG B 222 -33.98 15.51 0.91
N LEU B 223 -33.12 14.48 1.06
CA LEU B 223 -33.16 13.54 2.20
C LEU B 223 -32.94 14.27 3.52
N TYR B 224 -33.64 13.86 4.60
CA TYR B 224 -33.53 14.48 5.92
C TYR B 224 -32.13 14.35 6.51
N LYS B 225 -31.82 15.19 7.50
CA LYS B 225 -30.53 15.20 8.16
C LYS B 225 -30.50 14.16 9.29
N PRO B 226 -29.64 13.12 9.21
CA PRO B 226 -29.55 12.14 10.30
C PRO B 226 -28.79 12.72 11.51
N ARG B 227 -29.26 12.44 12.74
CA ARG B 227 -28.71 12.93 14.01
C ARG B 227 -27.21 12.74 14.16
N LEU B 228 -26.67 11.64 13.61
CA LEU B 228 -25.25 11.34 13.65
C LEU B 228 -24.43 12.18 12.68
N ALA B 229 -25.10 12.84 11.72
CA ALA B 229 -24.44 13.72 10.75
C ALA B 229 -24.49 15.18 11.23
N SER B 230 -23.31 15.83 11.35
CA SER B 230 -23.20 17.23 11.78
C SER B 230 -23.74 18.17 10.69
N THR B 231 -23.86 19.47 11.00
CA THR B 231 -24.36 20.48 10.06
C THR B 231 -23.43 20.62 8.86
N HIS B 232 -22.11 20.48 9.10
CA HIS B 232 -21.10 20.58 8.06
C HIS B 232 -21.18 19.36 7.14
N VAL B 233 -21.46 18.15 7.72
CA VAL B 233 -21.62 16.90 6.99
C VAL B 233 -22.85 17.00 6.08
N TYR B 234 -24.03 17.40 6.64
CA TYR B 234 -25.28 17.59 5.88
C TYR B 234 -25.17 18.61 4.77
N GLN B 235 -24.26 19.61 4.95
CA GLN B 235 -23.97 20.64 3.96
C GLN B 235 -23.29 19.98 2.75
N ILE B 236 -22.34 19.04 3.02
CA ILE B 236 -21.60 18.26 2.01
C ILE B 236 -22.56 17.40 1.21
N MET B 237 -23.54 16.75 1.87
CA MET B 237 -24.54 15.90 1.21
C MET B 237 -25.38 16.75 0.27
N ASN B 238 -25.84 17.91 0.76
CA ASN B 238 -26.66 18.83 -0.03
C ASN B 238 -25.93 19.39 -1.25
N HIS B 239 -24.58 19.57 -1.15
CA HIS B 239 -23.72 20.02 -2.26
C HIS B 239 -23.63 18.95 -3.35
N CYS B 240 -23.58 17.68 -2.94
CA CYS B 240 -23.59 16.51 -3.84
C CYS B 240 -24.97 16.43 -4.53
N TRP B 241 -26.03 16.88 -3.83
CA TRP B 241 -27.40 16.84 -4.33
C TRP B 241 -27.85 18.12 -5.07
N LYS B 242 -26.90 18.94 -5.57
CA LYS B 242 -27.24 20.15 -6.34
C LYS B 242 -27.81 19.73 -7.71
N GLU B 243 -28.79 20.47 -8.26
CA GLU B 243 -29.47 20.13 -9.53
C GLU B 243 -28.50 19.96 -10.72
N ARG B 244 -27.67 20.98 -10.98
CA ARG B 244 -26.72 20.97 -12.10
C ARG B 244 -25.40 20.33 -11.67
N PRO B 245 -24.89 19.33 -12.43
CA PRO B 245 -23.63 18.65 -12.02
C PRO B 245 -22.41 19.55 -11.84
N GLU B 246 -22.29 20.66 -12.61
CA GLU B 246 -21.18 21.62 -12.54
C GLU B 246 -21.15 22.42 -11.22
N ASP B 247 -22.27 22.38 -10.45
CA ASP B 247 -22.45 23.03 -9.16
C ASP B 247 -22.03 22.08 -8.02
N ARG B 248 -21.77 20.80 -8.34
CA ARG B 248 -21.39 19.74 -7.41
C ARG B 248 -19.88 19.67 -7.22
N PRO B 249 -19.40 19.30 -6.02
CA PRO B 249 -17.93 19.21 -5.84
C PRO B 249 -17.34 17.92 -6.41
N ALA B 250 -16.12 17.97 -6.98
CA ALA B 250 -15.45 16.76 -7.48
C ALA B 250 -14.96 15.97 -6.29
N PHE B 251 -14.76 14.65 -6.46
CA PHE B 251 -14.27 13.76 -5.42
C PHE B 251 -12.93 14.22 -4.80
N SER B 252 -11.99 14.77 -5.61
CA SER B 252 -10.71 15.31 -5.08
C SER B 252 -10.96 16.42 -4.04
N ARG B 253 -11.94 17.33 -4.33
CA ARG B 253 -12.37 18.40 -3.43
C ARG B 253 -13.05 17.80 -2.17
N LEU B 254 -13.95 16.81 -2.37
CA LEU B 254 -14.65 16.13 -1.29
C LEU B 254 -13.69 15.37 -0.37
N LEU B 255 -12.64 14.76 -0.94
CA LEU B 255 -11.64 13.98 -0.21
C LEU B 255 -10.89 14.85 0.80
N ARG B 256 -10.39 16.01 0.35
CA ARG B 256 -9.66 16.98 1.17
C ARG B 256 -10.50 17.52 2.34
N GLN B 257 -11.81 17.77 2.08
CA GLN B 257 -12.78 18.27 3.07
C GLN B 257 -13.08 17.23 4.13
N LEU B 258 -13.38 15.97 3.72
CA LEU B 258 -13.68 14.88 4.64
C LEU B 258 -12.45 14.46 5.40
N ALA B 259 -11.26 14.53 4.76
CA ALA B 259 -9.99 14.18 5.42
C ALA B 259 -9.72 15.18 6.53
N GLU B 260 -10.05 16.49 6.31
CA GLU B 260 -9.88 17.55 7.31
C GLU B 260 -10.81 17.35 8.51
N ILE B 261 -12.12 17.06 8.28
CA ILE B 261 -13.09 16.82 9.36
C ILE B 261 -12.65 15.63 10.21
N ALA B 262 -12.18 14.57 9.56
CA ALA B 262 -11.68 13.36 10.21
C ALA B 262 -10.51 13.64 11.13
N GLU B 263 -9.52 14.43 10.67
CA GLU B 263 -8.32 14.71 11.46
C GLU B 263 -8.54 15.78 12.53
N SER B 264 -9.38 16.82 12.25
CA SER B 264 -9.68 17.90 13.19
C SER B 264 -10.49 17.43 14.41
N GLY B 265 -11.04 16.22 14.33
CA GLY B 265 -11.83 15.59 15.38
C GLY B 265 -10.99 14.77 16.35
#